data_5XKB
#
_entry.id   5XKB
#
_cell.length_a   153.330
_cell.length_b   153.330
_cell.length_c   36.919
_cell.angle_alpha   90.000
_cell.angle_beta   90.000
_cell.angle_gamma   120.000
#
_symmetry.space_group_name_H-M   'P 61'
#
loop_
_entity.id
_entity.type
_entity.pdbx_description
1 polymer 'Heme acquisition protein HasAp'
2 non-polymer '5,15-Bisethynyl-10,20-diphenylporphyrin containing FE'
3 water water
#
_entity_poly.entity_id   1
_entity_poly.type   'polypeptide(L)'
_entity_poly.pdbx_seq_one_letter_code
;MSISISYSTTYSGWTVADYLADWSAYFGDVNHRPGQVVDGSNTGGFNPGPFDGSQYALKSTASDAAFIAGGDLHYTLFSN
PSHTLWGKLDSIALGDTLTGGASSGGYALDSQEVSFSNLGLDSPIAQGRDGTVHKVVYGLMSGDSSALQGQIDALLKAVD
PSLSINSTFDQLAAAGVAHATPAA
;
_entity_poly.pdbx_strand_id   A,B
#
loop_
_chem_comp.id
_chem_comp.type
_chem_comp.name
_chem_comp.formula
WVP non-polymer '5,15-Bisethynyl-10,20-diphenylporphyrin containing FE' 'C36 H20 Fe N4'
#
# COMPACT_ATOMS: atom_id res chain seq x y z
N MET A 1 4.04 19.65 -14.90
CA MET A 1 3.45 19.43 -16.26
C MET A 1 1.97 19.08 -16.17
N SER A 2 1.15 19.70 -17.03
CA SER A 2 -0.30 19.42 -17.04
C SER A 2 -0.59 18.10 -17.75
N ILE A 3 -1.82 17.62 -17.57
CA ILE A 3 -2.26 16.36 -18.16
C ILE A 3 -1.85 16.20 -19.64
N SER A 4 -1.28 15.04 -19.95
CA SER A 4 -0.95 14.69 -21.32
C SER A 4 -1.60 13.35 -21.66
N ILE A 5 -2.18 13.28 -22.85
CA ILE A 5 -2.89 12.09 -23.32
C ILE A 5 -2.25 11.61 -24.62
N SER A 6 -2.00 10.31 -24.71
N SER A 6 -2.00 10.32 -24.71
CA SER A 6 -1.48 9.69 -25.93
CA SER A 6 -1.52 9.72 -25.95
C SER A 6 -2.53 8.69 -26.39
C SER A 6 -2.54 8.72 -26.40
N TYR A 7 -2.82 8.70 -27.70
CA TYR A 7 -3.87 7.84 -28.25
C TYR A 7 -3.51 7.32 -29.63
N SER A 8 -3.82 6.06 -29.87
CA SER A 8 -3.77 5.49 -31.21
C SER A 8 -4.78 6.23 -32.09
N THR A 9 -4.39 6.53 -33.32
CA THR A 9 -5.27 7.20 -34.28
C THR A 9 -6.57 6.42 -34.54
N THR A 10 -6.57 5.11 -34.28
CA THR A 10 -7.79 4.29 -34.26
C THR A 10 -8.94 4.93 -33.46
N TYR A 11 -8.62 5.63 -32.38
CA TYR A 11 -9.62 6.28 -31.51
C TYR A 11 -9.74 7.79 -31.68
N SER A 12 -9.20 8.32 -32.76
CA SER A 12 -9.15 9.76 -33.00
C SER A 12 -10.51 10.46 -32.91
N GLY A 13 -11.57 9.82 -33.41
CA GLY A 13 -12.93 10.38 -33.37
C GLY A 13 -13.80 9.93 -32.20
N TRP A 14 -13.24 9.14 -31.29
CA TRP A 14 -13.97 8.68 -30.10
C TRP A 14 -13.86 9.74 -29.01
N THR A 15 -14.93 9.94 -28.25
CA THR A 15 -14.83 10.76 -27.04
C THR A 15 -14.09 9.94 -25.99
N VAL A 16 -13.48 10.64 -25.03
CA VAL A 16 -12.75 9.97 -23.96
C VAL A 16 -13.72 9.10 -23.16
N ALA A 17 -14.89 9.65 -22.83
CA ALA A 17 -15.93 8.93 -22.07
C ALA A 17 -16.41 7.64 -22.74
N ASP A 18 -16.67 7.71 -24.04
CA ASP A 18 -17.08 6.51 -24.78
C ASP A 18 -15.96 5.48 -24.83
N TYR A 19 -14.74 5.93 -25.10
CA TYR A 19 -13.58 5.04 -25.11
C TYR A 19 -13.43 4.29 -23.78
N LEU A 20 -13.43 5.02 -22.68
CA LEU A 20 -13.26 4.42 -21.36
C LEU A 20 -14.44 3.51 -20.96
N ALA A 21 -15.67 3.96 -21.24
CA ALA A 21 -16.86 3.13 -20.98
C ALA A 21 -16.76 1.80 -21.74
N ASP A 22 -16.45 1.87 -23.03
CA ASP A 22 -16.28 0.66 -23.85
C ASP A 22 -15.09 -0.18 -23.42
N TRP A 23 -13.98 0.47 -23.05
CA TRP A 23 -12.80 -0.25 -22.61
C TRP A 23 -13.06 -1.05 -21.32
N SER A 24 -13.74 -0.42 -20.36
CA SER A 24 -14.09 -1.09 -19.10
C SER A 24 -15.05 -2.26 -19.28
N ALA A 25 -15.99 -2.12 -20.20
CA ALA A 25 -16.89 -3.24 -20.55
C ALA A 25 -16.09 -4.39 -21.19
N TYR A 26 -15.12 -4.03 -22.03
CA TYR A 26 -14.23 -4.99 -22.67
C TYR A 26 -13.28 -5.69 -21.67
N PHE A 27 -12.69 -4.91 -20.76
CA PHE A 27 -11.86 -5.47 -19.67
C PHE A 27 -12.69 -6.31 -18.71
N GLY A 28 -13.90 -5.81 -18.40
CA GLY A 28 -14.82 -6.52 -17.50
C GLY A 28 -14.48 -6.34 -16.03
N ASP A 29 -15.07 -7.19 -15.21
CA ASP A 29 -14.88 -7.18 -13.76
C ASP A 29 -14.11 -8.45 -13.40
N VAL A 30 -12.90 -8.30 -12.85
CA VAL A 30 -12.10 -9.47 -12.46
C VAL A 30 -12.59 -10.14 -11.16
N ASN A 31 -13.57 -9.54 -10.48
CA ASN A 31 -14.15 -10.07 -9.25
C ASN A 31 -13.09 -10.14 -8.14
N HIS A 32 -12.38 -9.02 -7.98
CA HIS A 32 -11.39 -8.86 -6.92
C HIS A 32 -12.15 -8.38 -5.67
N ARG A 33 -12.62 -9.36 -4.89
CA ARG A 33 -13.48 -9.12 -3.73
C ARG A 33 -13.21 -10.18 -2.65
N PRO A 34 -13.63 -9.92 -1.40
CA PRO A 34 -13.43 -10.90 -0.31
C PRO A 34 -13.93 -12.31 -0.67
N GLY A 35 -13.09 -13.31 -0.45
CA GLY A 35 -13.38 -14.69 -0.82
C GLY A 35 -13.23 -15.06 -2.29
N GLN A 36 -12.92 -14.09 -3.15
CA GLN A 36 -12.82 -14.30 -4.60
C GLN A 36 -11.45 -13.95 -5.20
N VAL A 37 -10.50 -13.54 -4.37
CA VAL A 37 -9.16 -13.17 -4.85
C VAL A 37 -8.33 -14.44 -4.94
N VAL A 38 -7.74 -14.68 -6.12
CA VAL A 38 -6.93 -15.85 -6.39
C VAL A 38 -5.59 -15.42 -6.99
N ASP A 39 -4.50 -15.75 -6.30
CA ASP A 39 -3.13 -15.49 -6.77
C ASP A 39 -2.90 -15.89 -8.21
N GLY A 40 -2.40 -14.95 -9.00
CA GLY A 40 -2.08 -15.20 -10.41
C GLY A 40 -3.26 -15.21 -11.36
N SER A 41 -4.47 -14.98 -10.84
CA SER A 41 -5.69 -14.94 -11.65
C SER A 41 -6.33 -13.53 -11.70
N ASN A 42 -6.55 -12.93 -10.53
CA ASN A 42 -7.17 -11.60 -10.45
C ASN A 42 -6.54 -10.66 -9.38
N THR A 43 -5.25 -10.83 -9.12
CA THR A 43 -4.53 -9.94 -8.20
C THR A 43 -3.81 -8.83 -8.96
N GLY A 44 -3.22 -9.17 -10.10
CA GLY A 44 -2.32 -8.26 -10.81
C GLY A 44 -0.98 -8.30 -10.10
N GLY A 45 -0.18 -7.27 -10.27
CA GLY A 45 1.12 -7.22 -9.60
C GLY A 45 1.72 -5.83 -9.55
N PHE A 46 2.70 -5.67 -8.67
CA PHE A 46 3.44 -4.42 -8.53
C PHE A 46 4.85 -4.57 -9.05
N ASN A 47 5.39 -3.49 -9.59
CA ASN A 47 6.80 -3.36 -9.90
C ASN A 47 7.40 -2.21 -9.07
N PRO A 48 8.34 -2.47 -8.14
CA PRO A 48 8.98 -3.78 -7.89
C PRO A 48 8.16 -4.79 -7.12
N GLY A 49 7.22 -4.33 -6.30
CA GLY A 49 6.47 -5.24 -5.42
C GLY A 49 7.25 -5.54 -4.14
N PRO A 50 6.71 -6.40 -3.27
CA PRO A 50 5.45 -7.12 -3.48
C PRO A 50 4.14 -6.31 -3.30
N PHE A 51 4.16 -5.26 -2.45
CA PHE A 51 2.95 -4.47 -2.14
C PHE A 51 3.06 -2.99 -2.47
N ASP A 52 4.16 -2.59 -3.09
CA ASP A 52 4.43 -1.21 -3.40
C ASP A 52 5.17 -1.16 -4.70
N GLY A 53 4.98 -0.10 -5.47
CA GLY A 53 5.69 0.01 -6.72
C GLY A 53 5.45 1.28 -7.49
N SER A 54 6.34 1.52 -8.45
CA SER A 54 6.16 2.57 -9.44
C SER A 54 5.08 2.18 -10.46
N GLN A 55 4.74 0.89 -10.55
CA GLN A 55 3.64 0.42 -11.39
C GLN A 55 2.81 -0.62 -10.67
N TYR A 56 1.50 -0.58 -10.92
CA TYR A 56 0.59 -1.68 -10.62
C TYR A 56 -0.05 -2.04 -11.95
N ALA A 57 -0.12 -3.34 -12.25
CA ALA A 57 -0.64 -3.78 -13.53
C ALA A 57 -1.55 -4.98 -13.33
N LEU A 58 -2.60 -5.05 -14.15
CA LEU A 58 -3.59 -6.13 -14.08
C LEU A 58 -4.13 -6.49 -15.46
N LYS A 59 -4.14 -7.80 -15.75
CA LYS A 59 -4.77 -8.34 -16.96
C LYS A 59 -6.23 -8.66 -16.68
N SER A 60 -7.06 -8.42 -17.69
CA SER A 60 -8.42 -8.91 -17.69
C SER A 60 -8.44 -10.44 -17.62
N THR A 61 -9.47 -10.98 -16.99
CA THR A 61 -9.75 -12.42 -17.08
C THR A 61 -10.74 -12.75 -18.21
N ALA A 62 -11.49 -11.75 -18.69
CA ALA A 62 -12.44 -11.93 -19.79
C ALA A 62 -11.83 -11.74 -21.18
N SER A 63 -10.70 -11.03 -21.26
CA SER A 63 -10.11 -10.63 -22.56
C SER A 63 -8.60 -10.45 -22.47
N ASP A 64 -8.00 -10.00 -23.58
CA ASP A 64 -6.59 -9.62 -23.61
C ASP A 64 -6.33 -8.22 -23.03
N ALA A 65 -7.37 -7.49 -22.63
CA ALA A 65 -7.24 -6.14 -22.07
C ALA A 65 -6.37 -6.13 -20.81
N ALA A 66 -5.64 -5.04 -20.62
CA ALA A 66 -4.85 -4.85 -19.41
C ALA A 66 -4.60 -3.37 -19.18
N PHE A 67 -4.38 -2.99 -17.93
CA PHE A 67 -3.99 -1.62 -17.62
C PHE A 67 -2.75 -1.58 -16.78
N ILE A 68 -2.04 -0.46 -16.87
CA ILE A 68 -0.86 -0.21 -16.04
C ILE A 68 -1.06 1.13 -15.36
N ALA A 69 -1.13 1.11 -14.03
CA ALA A 69 -1.16 2.33 -13.23
C ALA A 69 0.26 2.67 -12.85
N GLY A 70 0.67 3.91 -13.10
CA GLY A 70 2.02 4.37 -12.85
C GLY A 70 2.08 5.47 -11.80
N GLY A 71 3.13 5.44 -10.97
CA GLY A 71 3.34 6.49 -9.97
C GLY A 71 4.18 6.00 -8.82
N ASP A 72 3.60 6.05 -7.62
CA ASP A 72 4.28 5.64 -6.40
C ASP A 72 3.20 5.09 -5.49
N LEU A 73 2.91 3.81 -5.67
CA LEU A 73 1.69 3.19 -5.18
C LEU A 73 1.99 2.21 -4.06
N HIS A 74 1.02 2.08 -3.17
CA HIS A 74 1.15 1.27 -1.97
C HIS A 74 -0.18 0.57 -1.67
N TYR A 75 -0.11 -0.67 -1.23
CA TYR A 75 -1.30 -1.44 -0.86
C TYR A 75 -1.21 -1.94 0.57
N THR A 76 -2.27 -1.71 1.35
CA THR A 76 -2.26 -2.03 2.79
C THR A 76 -2.60 -3.47 3.14
N LEU A 77 -3.24 -4.18 2.21
CA LEU A 77 -3.71 -5.56 2.42
C LEU A 77 -4.58 -5.65 3.68
N PHE A 78 -4.11 -6.31 4.76
CA PHE A 78 -4.95 -6.54 5.93
C PHE A 78 -4.92 -5.44 6.98
N SER A 79 -3.93 -4.56 6.90
CA SER A 79 -3.71 -3.55 7.93
C SER A 79 -4.62 -2.35 7.70
N ASN A 80 -5.27 -1.92 8.78
CA ASN A 80 -6.18 -0.78 8.76
C ASN A 80 -5.47 0.46 8.17
N PRO A 81 -6.09 1.17 7.22
CA PRO A 81 -7.34 0.81 6.56
C PRO A 81 -7.13 -0.30 5.56
N SER A 82 -7.81 -1.42 5.77
CA SER A 82 -7.56 -2.62 4.99
C SER A 82 -7.92 -2.45 3.52
N HIS A 83 -7.13 -3.10 2.67
CA HIS A 83 -7.37 -3.18 1.23
C HIS A 83 -7.51 -1.79 0.63
N THR A 84 -6.51 -0.97 0.92
CA THR A 84 -6.41 0.38 0.40
C THR A 84 -5.20 0.48 -0.50
N LEU A 85 -5.43 0.91 -1.74
CA LEU A 85 -4.38 1.33 -2.65
C LEU A 85 -4.23 2.83 -2.56
N TRP A 86 -3.06 3.29 -2.15
CA TRP A 86 -2.81 4.72 -1.95
C TRP A 86 -1.46 5.14 -2.50
N GLY A 87 -1.20 6.44 -2.46
CA GLY A 87 0.04 7.02 -2.94
C GLY A 87 -0.20 7.93 -4.13
N LYS A 88 0.81 8.05 -4.99
CA LYS A 88 0.76 8.92 -6.15
C LYS A 88 0.35 8.12 -7.37
N LEU A 89 -0.68 8.60 -8.06
CA LEU A 89 -1.06 8.05 -9.36
C LEU A 89 -0.76 9.11 -10.41
N ASP A 90 0.30 8.86 -11.19
CA ASP A 90 0.74 9.78 -12.25
C ASP A 90 0.18 9.43 -13.63
N SER A 91 -0.08 8.14 -13.88
CA SER A 91 -0.48 7.68 -15.20
C SER A 91 -1.35 6.42 -15.21
N ILE A 92 -2.17 6.31 -16.26
CA ILE A 92 -2.96 5.11 -16.57
C ILE A 92 -2.73 4.82 -18.05
N ALA A 93 -2.29 3.60 -18.36
CA ALA A 93 -2.09 3.15 -19.73
C ALA A 93 -3.06 2.00 -19.95
N LEU A 94 -3.78 2.05 -21.07
CA LEU A 94 -4.82 1.10 -21.39
C LEU A 94 -4.54 0.48 -22.75
N GLY A 95 -4.74 -0.83 -22.84
CA GLY A 95 -4.44 -1.53 -24.09
C GLY A 95 -4.62 -3.02 -23.97
N ASP A 96 -3.98 -3.75 -24.87
CA ASP A 96 -4.01 -5.22 -24.91
C ASP A 96 -2.63 -5.81 -24.65
N THR A 97 -2.64 -6.95 -23.97
CA THR A 97 -1.48 -7.85 -23.88
C THR A 97 -0.35 -7.29 -23.00
N LEU A 98 -0.53 -7.49 -21.69
CA LEU A 98 0.48 -7.10 -20.71
C LEU A 98 1.75 -7.94 -20.84
N THR A 99 2.90 -7.29 -20.78
CA THR A 99 4.18 -7.98 -20.74
C THR A 99 5.05 -7.41 -19.64
N GLY A 100 6.13 -8.12 -19.33
CA GLY A 100 7.11 -7.67 -18.36
C GLY A 100 6.66 -7.84 -16.92
N GLY A 101 7.28 -7.06 -16.05
CA GLY A 101 7.13 -7.21 -14.60
C GLY A 101 8.40 -6.73 -13.94
N ALA A 102 8.51 -6.98 -12.63
CA ALA A 102 9.63 -6.50 -11.82
C ALA A 102 11.00 -6.93 -12.38
N SER A 103 11.12 -8.21 -12.70
CA SER A 103 12.39 -8.76 -13.22
C SER A 103 12.82 -8.22 -14.59
N SER A 104 11.85 -7.80 -15.41
CA SER A 104 12.11 -7.17 -16.72
C SER A 104 12.40 -5.67 -16.65
N GLY A 105 12.41 -5.10 -15.45
CA GLY A 105 12.53 -3.65 -15.30
C GLY A 105 11.29 -2.86 -15.70
N GLY A 106 10.11 -3.49 -15.67
CA GLY A 106 8.84 -2.79 -15.91
C GLY A 106 7.80 -3.54 -16.69
N TYR A 107 6.53 -3.27 -16.36
CA TYR A 107 5.39 -3.72 -17.16
C TYR A 107 5.25 -2.88 -18.42
N ALA A 108 4.68 -3.48 -19.45
CA ALA A 108 4.37 -2.79 -20.70
C ALA A 108 3.17 -3.43 -21.37
N LEU A 109 2.61 -2.74 -22.36
CA LEU A 109 1.53 -3.27 -23.18
C LEU A 109 2.04 -3.44 -24.62
N ASP A 110 1.85 -4.63 -25.16
CA ASP A 110 2.16 -4.93 -26.57
C ASP A 110 1.35 -4.06 -27.53
N SER A 111 0.10 -3.85 -27.18
CA SER A 111 -0.78 -2.97 -27.93
C SER A 111 -1.38 -1.92 -27.01
N GLN A 112 -0.60 -0.87 -26.74
CA GLN A 112 -1.07 0.26 -25.96
C GLN A 112 -1.98 1.12 -26.83
N GLU A 113 -3.22 1.35 -26.37
CA GLU A 113 -4.18 2.13 -27.12
C GLU A 113 -4.22 3.58 -26.66
N VAL A 114 -4.40 3.79 -25.35
CA VAL A 114 -4.51 5.13 -24.79
C VAL A 114 -3.73 5.21 -23.47
N SER A 115 -3.08 6.34 -23.24
CA SER A 115 -2.48 6.61 -21.93
C SER A 115 -2.79 8.03 -21.46
N PHE A 116 -2.97 8.16 -20.16
CA PHE A 116 -3.21 9.44 -19.52
C PHE A 116 -2.08 9.66 -18.54
N SER A 117 -1.33 10.75 -18.72
CA SER A 117 -0.12 11.03 -17.92
C SER A 117 -0.20 12.38 -17.24
N ASN A 118 0.69 12.61 -16.29
CA ASN A 118 0.71 13.83 -15.47
C ASN A 118 -0.62 14.06 -14.75
N LEU A 119 -1.21 12.99 -14.23
CA LEU A 119 -2.50 13.08 -13.55
C LEU A 119 -2.42 13.81 -12.22
N GLY A 120 -1.24 13.80 -11.59
CA GLY A 120 -1.01 14.54 -10.36
C GLY A 120 -1.85 14.11 -9.16
N LEU A 121 -2.36 12.89 -9.18
CA LEU A 121 -3.25 12.41 -8.12
C LEU A 121 -2.40 11.87 -6.98
N ASP A 122 -2.80 12.16 -5.74
CA ASP A 122 -2.01 11.76 -4.57
C ASP A 122 -2.98 11.57 -3.42
N SER A 123 -3.11 10.33 -2.95
CA SER A 123 -4.03 10.01 -1.88
C SER A 123 -3.28 9.43 -0.68
N PRO A 124 -3.52 9.99 0.52
CA PRO A 124 -2.82 9.50 1.70
C PRO A 124 -3.44 8.22 2.23
N ILE A 125 -2.63 7.43 2.92
CA ILE A 125 -3.11 6.18 3.50
C ILE A 125 -4.35 6.38 4.40
N ALA A 126 -4.36 7.45 5.19
CA ALA A 126 -5.42 7.68 6.17
C ALA A 126 -6.82 7.88 5.56
N GLN A 127 -6.90 8.30 4.29
CA GLN A 127 -8.20 8.35 3.60
C GLN A 127 -8.77 6.97 3.29
N GLY A 128 -7.95 5.93 3.30
CA GLY A 128 -8.43 4.58 3.06
C GLY A 128 -9.04 4.43 1.67
N ARG A 129 -10.11 3.66 1.58
CA ARG A 129 -10.76 3.38 0.31
C ARG A 129 -11.60 4.55 -0.22
N ASP A 130 -11.73 5.60 0.58
CA ASP A 130 -12.29 6.87 0.09
C ASP A 130 -11.30 7.66 -0.74
N GLY A 131 -10.02 7.28 -0.75
CA GLY A 131 -9.02 8.00 -1.54
C GLY A 131 -9.29 7.94 -3.02
N THR A 132 -8.98 9.02 -3.72
CA THR A 132 -9.21 9.11 -5.15
C THR A 132 -8.43 8.04 -5.90
N VAL A 133 -7.18 7.85 -5.53
CA VAL A 133 -6.33 6.86 -6.19
C VAL A 133 -6.96 5.48 -6.07
N HIS A 134 -7.39 5.11 -4.87
CA HIS A 134 -8.03 3.82 -4.65
C HIS A 134 -9.24 3.63 -5.57
N LYS A 135 -10.12 4.61 -5.57
CA LYS A 135 -11.36 4.52 -6.34
C LYS A 135 -11.11 4.42 -7.84
N VAL A 136 -10.15 5.20 -8.34
CA VAL A 136 -9.82 5.17 -9.77
C VAL A 136 -9.37 3.77 -10.18
N VAL A 137 -8.41 3.21 -9.46
CA VAL A 137 -7.81 1.94 -9.84
C VAL A 137 -8.76 0.78 -9.60
N TYR A 138 -9.44 0.76 -8.44
CA TYR A 138 -10.39 -0.33 -8.16
C TYR A 138 -11.56 -0.31 -9.15
N GLY A 139 -11.99 0.89 -9.52
CA GLY A 139 -12.95 1.07 -10.60
C GLY A 139 -12.55 0.29 -11.84
N LEU A 140 -11.32 0.49 -12.30
CA LEU A 140 -10.81 -0.21 -13.47
C LEU A 140 -10.80 -1.73 -13.26
N MET A 141 -10.42 -2.17 -12.07
CA MET A 141 -10.35 -3.60 -11.77
C MET A 141 -11.74 -4.25 -11.82
N SER A 142 -12.77 -3.47 -11.51
CA SER A 142 -14.14 -3.98 -11.36
C SER A 142 -15.11 -3.53 -12.48
N GLY A 143 -14.55 -3.10 -13.61
CA GLY A 143 -15.35 -2.81 -14.82
C GLY A 143 -16.18 -1.55 -14.76
N ASP A 144 -15.72 -0.58 -13.97
CA ASP A 144 -16.40 0.70 -13.82
C ASP A 144 -15.35 1.83 -13.84
N SER A 145 -15.19 2.46 -15.00
CA SER A 145 -14.25 3.59 -15.16
C SER A 145 -14.78 4.98 -14.76
N SER A 146 -15.90 5.05 -14.06
N SER A 146 -15.91 5.04 -14.05
CA SER A 146 -16.50 6.34 -13.70
CA SER A 146 -16.53 6.32 -13.66
C SER A 146 -15.57 7.22 -12.86
C SER A 146 -15.57 7.22 -12.86
N ALA A 147 -14.84 6.63 -11.92
CA ALA A 147 -13.88 7.40 -11.09
C ALA A 147 -12.76 7.97 -11.96
N LEU A 148 -12.21 7.13 -12.84
CA LEU A 148 -11.18 7.60 -13.77
C LEU A 148 -11.74 8.70 -14.67
N GLN A 149 -12.92 8.46 -15.23
CA GLN A 149 -13.59 9.47 -16.06
C GLN A 149 -13.74 10.78 -15.33
N GLY A 150 -14.20 10.74 -14.08
CA GLY A 150 -14.38 11.94 -13.28
C GLY A 150 -13.10 12.74 -13.05
N GLN A 151 -12.00 12.03 -12.85
CA GLN A 151 -10.72 12.69 -12.60
C GLN A 151 -10.14 13.29 -13.88
N ILE A 152 -10.26 12.57 -14.99
CA ILE A 152 -9.81 13.09 -16.28
C ILE A 152 -10.60 14.34 -16.63
N ASP A 153 -11.92 14.26 -16.44
CA ASP A 153 -12.82 15.39 -16.68
C ASP A 153 -12.39 16.66 -15.93
N ALA A 154 -12.15 16.51 -14.63
CA ALA A 154 -11.71 17.64 -13.82
C ALA A 154 -10.38 18.22 -14.28
N LEU A 155 -9.42 17.36 -14.59
CA LEU A 155 -8.11 17.80 -15.06
C LEU A 155 -8.23 18.56 -16.38
N LEU A 156 -9.02 18.02 -17.31
CA LEU A 156 -9.21 18.66 -18.61
C LEU A 156 -9.89 20.03 -18.48
N LYS A 157 -10.94 20.11 -17.66
CA LYS A 157 -11.62 21.38 -17.43
C LYS A 157 -10.72 22.42 -16.80
N ALA A 158 -9.80 21.99 -15.93
CA ALA A 158 -8.82 22.90 -15.32
C ALA A 158 -7.78 23.43 -16.33
N VAL A 159 -7.48 22.65 -17.37
CA VAL A 159 -6.62 23.13 -18.45
C VAL A 159 -7.36 24.22 -19.24
N ASP A 160 -8.58 23.88 -19.66
CA ASP A 160 -9.49 24.86 -20.25
C ASP A 160 -10.94 24.36 -20.15
N PRO A 161 -11.90 25.23 -19.78
CA PRO A 161 -13.31 24.80 -19.65
C PRO A 161 -13.95 24.16 -20.87
N SER A 162 -13.43 24.44 -22.07
CA SER A 162 -13.91 23.80 -23.29
C SER A 162 -13.51 22.33 -23.45
N LEU A 163 -12.60 21.85 -22.60
CA LEU A 163 -12.12 20.47 -22.65
C LEU A 163 -12.84 19.66 -21.58
N SER A 164 -13.28 18.47 -21.96
CA SER A 164 -13.95 17.56 -21.05
C SER A 164 -13.78 16.13 -21.52
N ILE A 165 -14.28 15.17 -20.74
CA ILE A 165 -14.28 13.77 -21.19
C ILE A 165 -15.22 13.52 -22.38
N ASN A 166 -16.10 14.46 -22.68
CA ASN A 166 -16.92 14.37 -23.90
C ASN A 166 -16.25 14.95 -25.14
N SER A 167 -15.02 15.47 -25.00
CA SER A 167 -14.20 15.82 -26.15
C SER A 167 -13.68 14.54 -26.81
N THR A 168 -13.51 14.58 -28.12
CA THR A 168 -12.80 13.52 -28.82
C THR A 168 -11.31 13.68 -28.58
N PHE A 169 -10.57 12.59 -28.80
CA PHE A 169 -9.12 12.62 -28.70
C PHE A 169 -8.52 13.64 -29.66
N ASP A 170 -9.04 13.68 -30.89
CA ASP A 170 -8.64 14.72 -31.86
C ASP A 170 -8.91 16.15 -31.36
N GLN A 171 -10.08 16.38 -30.77
CA GLN A 171 -10.40 17.70 -30.23
C GLN A 171 -9.41 18.11 -29.13
N LEU A 172 -9.07 17.16 -28.26
CA LEU A 172 -8.05 17.39 -27.22
C LEU A 172 -6.66 17.61 -27.81
N ALA A 173 -6.34 16.91 -28.92
CA ALA A 173 -5.08 17.14 -29.63
C ALA A 173 -5.01 18.53 -30.29
N ALA A 174 -6.15 19.00 -30.81
CA ALA A 174 -6.24 20.37 -31.32
C ALA A 174 -5.88 21.40 -30.23
N ALA A 175 -6.25 21.14 -28.98
CA ALA A 175 -5.92 22.03 -27.85
C ALA A 175 -4.51 21.81 -27.26
N GLY A 176 -3.74 20.88 -27.81
CA GLY A 176 -2.36 20.60 -27.37
C GLY A 176 -2.23 19.62 -26.22
N VAL A 177 -3.35 19.07 -25.75
CA VAL A 177 -3.38 18.19 -24.58
C VAL A 177 -3.10 16.74 -24.97
N ALA A 178 -3.69 16.30 -26.07
CA ALA A 178 -3.55 14.92 -26.53
C ALA A 178 -2.61 14.85 -27.73
N HIS A 179 -2.04 13.67 -27.95
CA HIS A 179 -1.01 13.46 -28.95
C HIS A 179 -1.19 12.08 -29.59
N ALA A 180 -1.34 12.07 -30.92
CA ALA A 180 -1.66 10.85 -31.65
C ALA A 180 -0.42 9.97 -31.81
N THR A 181 -0.64 8.65 -31.77
CA THR A 181 0.38 7.66 -32.11
C THR A 181 -0.16 6.76 -33.23
N PRO A 182 0.71 6.20 -34.10
CA PRO A 182 0.24 5.41 -35.25
C PRO A 182 -0.69 4.23 -34.88
N ALA A 183 -1.64 3.94 -35.76
CA ALA A 183 -2.53 2.79 -35.59
C ALA A 183 -1.74 1.49 -35.84
N ALA A 184 -1.57 0.70 -34.78
CA ALA A 184 -0.87 -0.59 -34.86
C ALA A 184 -1.85 -1.70 -35.21
N MET B 1 -13.03 -8.71 14.88
CA MET B 1 -12.15 -9.23 13.79
C MET B 1 -10.80 -9.72 14.33
N SER B 2 -10.40 -10.92 13.93
CA SER B 2 -9.22 -11.58 14.52
C SER B 2 -7.91 -11.23 13.81
N ILE B 3 -6.81 -11.55 14.49
CA ILE B 3 -5.47 -11.32 13.97
C ILE B 3 -5.31 -11.85 12.53
N SER B 4 -4.64 -11.08 11.69
N SER B 4 -4.67 -11.06 11.68
CA SER B 4 -4.37 -11.46 10.31
CA SER B 4 -4.37 -11.44 10.31
C SER B 4 -2.90 -11.20 9.99
C SER B 4 -2.88 -11.24 10.07
N ILE B 5 -2.26 -12.15 9.32
CA ILE B 5 -0.81 -12.13 9.10
C ILE B 5 -0.47 -12.24 7.62
N SER B 6 0.46 -11.39 7.18
CA SER B 6 1.02 -11.41 5.84
C SER B 6 2.48 -11.80 6.02
N TYR B 7 2.98 -12.69 5.15
CA TYR B 7 4.39 -13.09 5.23
C TYR B 7 4.95 -13.44 3.86
N SER B 8 6.22 -13.10 3.67
CA SER B 8 6.95 -13.52 2.49
C SER B 8 7.15 -15.05 2.55
N THR B 9 7.01 -15.72 1.41
CA THR B 9 7.18 -17.19 1.35
C THR B 9 8.56 -17.64 1.83
N THR B 10 9.55 -16.76 1.71
CA THR B 10 10.85 -16.98 2.33
C THR B 10 10.76 -17.53 3.77
N TYR B 11 9.79 -17.04 4.54
CA TYR B 11 9.67 -17.42 5.96
C TYR B 11 8.63 -18.50 6.26
N SER B 12 8.13 -19.18 5.22
CA SER B 12 7.06 -20.17 5.36
C SER B 12 7.36 -21.19 6.46
N GLY B 13 8.61 -21.65 6.52
CA GLY B 13 9.02 -22.68 7.49
C GLY B 13 9.53 -22.17 8.83
N TRP B 14 9.53 -20.86 9.04
CA TRP B 14 9.95 -20.29 10.34
C TRP B 14 8.76 -20.23 11.27
N THR B 15 8.98 -20.45 12.58
CA THR B 15 7.96 -20.10 13.57
C THR B 15 7.92 -18.57 13.72
N VAL B 16 6.77 -18.05 14.12
CA VAL B 16 6.63 -16.59 14.32
C VAL B 16 7.62 -16.10 15.38
N ALA B 17 7.77 -16.85 16.47
CA ALA B 17 8.70 -16.52 17.55
C ALA B 17 10.14 -16.43 17.08
N ASP B 18 10.58 -17.45 16.34
CA ASP B 18 11.97 -17.49 15.87
C ASP B 18 12.18 -16.38 14.83
N TYR B 19 11.18 -16.14 13.99
CA TYR B 19 11.23 -15.03 13.04
C TYR B 19 11.40 -13.69 13.78
N LEU B 20 10.58 -13.45 14.79
CA LEU B 20 10.67 -12.21 15.54
C LEU B 20 11.96 -12.07 16.33
N ALA B 21 12.46 -13.16 16.92
CA ALA B 21 13.75 -13.12 17.60
C ALA B 21 14.85 -12.70 16.63
N ASP B 22 14.80 -13.28 15.43
CA ASP B 22 15.78 -13.02 14.40
C ASP B 22 15.66 -11.58 13.85
N TRP B 23 14.42 -11.14 13.61
CA TRP B 23 14.19 -9.76 13.18
C TRP B 23 14.71 -8.75 14.21
N SER B 24 14.45 -8.97 15.50
CA SER B 24 14.92 -8.08 16.57
C SER B 24 16.44 -7.94 16.59
N ALA B 25 17.14 -9.07 16.44
CA ALA B 25 18.60 -9.08 16.39
C ALA B 25 19.10 -8.34 15.14
N TYR B 26 18.40 -8.49 14.02
CA TYR B 26 18.74 -7.82 12.77
C TYR B 26 18.50 -6.29 12.79
N PHE B 27 17.33 -5.88 13.29
CA PHE B 27 17.04 -4.45 13.51
C PHE B 27 17.98 -3.87 14.58
N GLY B 28 18.21 -4.63 15.65
CA GLY B 28 19.09 -4.21 16.72
C GLY B 28 18.43 -3.23 17.67
N ASP B 29 19.27 -2.46 18.35
CA ASP B 29 18.85 -1.50 19.36
C ASP B 29 19.25 -0.13 18.81
N VAL B 30 18.27 0.75 18.57
CA VAL B 30 18.60 2.11 18.11
C VAL B 30 19.13 3.02 19.24
N ASN B 31 19.13 2.54 20.48
CA ASN B 31 19.72 3.25 21.63
C ASN B 31 18.96 4.57 21.87
N HIS B 32 17.65 4.41 21.99
CA HIS B 32 16.70 5.50 22.19
C HIS B 32 16.45 5.56 23.70
N ARG B 33 17.25 6.38 24.36
CA ARG B 33 17.17 6.59 25.82
C ARG B 33 17.89 7.93 26.19
N PRO B 34 17.68 8.43 27.41
CA PRO B 34 18.19 9.79 27.72
C PRO B 34 19.68 9.91 27.53
N GLY B 35 20.09 11.01 26.91
CA GLY B 35 21.50 11.23 26.58
C GLY B 35 21.96 10.53 25.32
N GLN B 36 21.18 9.55 24.84
CA GLN B 36 21.46 8.81 23.62
C GLN B 36 20.52 9.21 22.45
N VAL B 37 19.41 9.91 22.74
CA VAL B 37 18.65 10.67 21.72
C VAL B 37 19.20 12.11 21.71
N VAL B 38 20.09 12.38 20.77
CA VAL B 38 20.80 13.68 20.65
C VAL B 38 20.55 14.41 19.32
N ASP B 39 19.83 13.76 18.42
CA ASP B 39 19.52 14.30 17.11
C ASP B 39 18.36 13.45 16.54
N GLY B 40 18.08 13.60 15.24
CA GLY B 40 16.94 12.89 14.63
C GLY B 40 17.23 11.48 14.14
N SER B 41 18.44 10.96 14.38
CA SER B 41 18.87 9.69 13.78
C SER B 41 18.18 8.45 14.36
N ASN B 42 17.64 8.53 15.58
CA ASN B 42 17.06 7.37 16.25
C ASN B 42 15.73 7.69 16.92
N THR B 43 15.00 8.66 16.35
CA THR B 43 13.68 9.05 16.87
C THR B 43 12.54 8.33 16.14
N GLY B 44 12.69 8.15 14.84
CA GLY B 44 11.59 7.71 13.99
C GLY B 44 10.69 8.91 13.72
N GLY B 45 9.43 8.65 13.40
CA GLY B 45 8.49 9.72 13.10
C GLY B 45 7.05 9.26 13.12
N PHE B 46 6.15 10.25 13.26
CA PHE B 46 4.71 10.03 13.24
C PHE B 46 4.08 10.55 11.95
N ASN B 47 3.01 9.88 11.55
CA ASN B 47 2.12 10.38 10.49
C ASN B 47 0.77 10.66 11.14
N PRO B 48 0.34 11.92 11.27
CA PRO B 48 1.01 13.11 10.74
C PRO B 48 2.04 13.76 11.67
N GLY B 49 2.07 13.39 12.94
CA GLY B 49 2.94 14.06 13.92
C GLY B 49 2.33 15.38 14.38
N PRO B 50 3.03 16.16 15.20
CA PRO B 50 4.41 15.90 15.63
C PRO B 50 4.60 14.75 16.63
N PHE B 51 3.64 14.55 17.54
CA PHE B 51 3.75 13.56 18.62
C PHE B 51 2.62 12.56 18.65
N ASP B 52 1.80 12.55 17.60
CA ASP B 52 0.63 11.69 17.53
C ASP B 52 0.46 11.23 16.08
N GLY B 53 -0.06 10.04 15.90
CA GLY B 53 -0.24 9.56 14.53
C GLY B 53 -1.01 8.29 14.37
N SER B 54 -1.53 8.11 13.15
CA SER B 54 -2.08 6.83 12.73
C SER B 54 -0.94 5.87 12.39
N GLN B 55 0.27 6.40 12.21
CA GLN B 55 1.47 5.59 12.06
C GLN B 55 2.62 6.16 12.88
N TYR B 56 3.42 5.25 13.44
CA TYR B 56 4.75 5.57 13.94
C TYR B 56 5.70 4.62 13.20
N ALA B 57 6.77 5.16 12.63
CA ALA B 57 7.76 4.36 11.89
C ALA B 57 9.19 4.69 12.30
N LEU B 58 10.07 3.70 12.19
CA LEU B 58 11.46 3.86 12.62
C LEU B 58 12.36 2.96 11.80
N LYS B 59 13.44 3.53 11.30
CA LYS B 59 14.51 2.80 10.65
C LYS B 59 15.54 2.35 11.68
N SER B 60 16.07 1.14 11.49
CA SER B 60 17.23 0.68 12.24
C SER B 60 18.44 1.58 11.95
N THR B 61 19.27 1.80 12.96
CA THR B 61 20.54 2.50 12.78
C THR B 61 21.63 1.49 12.48
N ALA B 62 21.38 0.21 12.79
CA ALA B 62 22.30 -0.90 12.55
C ALA B 62 22.22 -1.48 11.12
N SER B 63 21.00 -1.53 10.56
CA SER B 63 20.72 -2.19 9.28
C SER B 63 19.66 -1.38 8.50
N ASP B 64 19.22 -1.91 7.36
N ASP B 64 19.24 -1.93 7.36
CA ASP B 64 18.11 -1.30 6.61
CA ASP B 64 18.14 -1.38 6.56
C ASP B 64 16.72 -1.78 7.07
C ASP B 64 16.74 -1.76 7.08
N ALA B 65 16.67 -2.55 8.15
CA ALA B 65 15.41 -2.92 8.80
C ALA B 65 14.60 -1.68 9.25
N ALA B 66 13.28 -1.83 9.21
CA ALA B 66 12.38 -0.77 9.64
C ALA B 66 11.07 -1.39 10.07
N PHE B 67 10.34 -0.69 10.91
CA PHE B 67 8.98 -1.12 11.21
C PHE B 67 8.03 0.05 11.12
N ILE B 68 6.76 -0.30 10.91
CA ILE B 68 5.65 0.65 10.96
C ILE B 68 4.58 0.12 11.90
N ALA B 69 4.29 0.92 12.92
CA ALA B 69 3.22 0.66 13.87
C ALA B 69 2.01 1.48 13.42
N GLY B 70 0.88 0.81 13.22
CA GLY B 70 -0.36 1.47 12.76
C GLY B 70 -1.39 1.45 13.85
N GLY B 71 -2.11 2.55 14.02
CA GLY B 71 -3.18 2.62 14.99
C GLY B 71 -3.62 4.05 15.23
N ASP B 72 -3.74 4.41 16.50
CA ASP B 72 -4.04 5.79 16.93
C ASP B 72 -3.12 6.02 18.11
N LEU B 73 -1.92 6.50 17.80
CA LEU B 73 -0.80 6.48 18.73
C LEU B 73 -0.46 7.87 19.21
N HIS B 74 0.00 7.94 20.45
CA HIS B 74 0.30 9.20 21.14
C HIS B 74 1.57 9.04 21.95
N TYR B 75 2.48 10.01 21.83
CA TYR B 75 3.70 10.06 22.63
C TYR B 75 3.65 11.25 23.58
N THR B 76 3.90 10.99 24.86
CA THR B 76 3.81 12.05 25.88
C THR B 76 4.99 13.01 25.88
N LEU B 77 6.10 12.61 25.29
CA LEU B 77 7.36 13.35 25.30
C LEU B 77 7.73 13.66 26.77
N PHE B 78 7.64 14.92 27.21
CA PHE B 78 8.03 15.28 28.60
C PHE B 78 6.87 15.40 29.57
N SER B 79 5.63 15.28 29.08
CA SER B 79 4.46 15.35 29.92
C SER B 79 4.35 14.07 30.73
N ASN B 80 3.94 14.15 31.99
CA ASN B 80 3.80 12.94 32.82
C ASN B 80 2.64 12.06 32.31
N PRO B 81 2.82 10.74 32.25
CA PRO B 81 4.09 10.03 32.50
C PRO B 81 5.03 10.19 31.31
N SER B 82 6.24 10.69 31.56
CA SER B 82 7.16 11.05 30.47
C SER B 82 7.54 9.85 29.60
N HIS B 83 7.76 10.15 28.33
CA HIS B 83 8.24 9.20 27.34
C HIS B 83 7.41 7.93 27.33
N THR B 84 6.11 8.12 27.19
CA THR B 84 5.14 7.04 27.11
C THR B 84 4.48 7.07 25.74
N LEU B 85 4.58 5.98 25.00
CA LEU B 85 3.80 5.74 23.79
C LEU B 85 2.54 4.96 24.17
N TRP B 86 1.38 5.56 23.91
CA TRP B 86 0.11 4.94 24.30
C TRP B 86 -0.90 5.11 23.17
N GLY B 87 -2.10 4.58 23.39
CA GLY B 87 -3.20 4.66 22.43
C GLY B 87 -3.48 3.27 21.87
N LYS B 88 -4.02 3.25 20.66
CA LYS B 88 -4.42 2.03 20.01
C LYS B 88 -3.32 1.57 19.06
N LEU B 89 -2.97 0.30 19.15
CA LEU B 89 -2.04 -0.32 18.21
C LEU B 89 -2.77 -1.43 17.48
N ASP B 90 -3.01 -1.22 16.18
CA ASP B 90 -3.76 -2.16 15.36
C ASP B 90 -2.86 -3.07 14.53
N SER B 91 -1.71 -2.56 14.11
CA SER B 91 -0.85 -3.31 13.19
C SER B 91 0.63 -3.03 13.38
N ILE B 92 1.44 -4.01 12.99
CA ILE B 92 2.89 -3.89 12.98
C ILE B 92 3.39 -4.50 11.67
N ALA B 93 4.09 -3.71 10.87
CA ALA B 93 4.70 -4.18 9.63
C ALA B 93 6.21 -4.17 9.83
N LEU B 94 6.85 -5.28 9.47
CA LEU B 94 8.30 -5.45 9.61
C LEU B 94 8.92 -5.76 8.27
N GLY B 95 10.03 -5.09 7.95
CA GLY B 95 10.70 -5.32 6.68
C GLY B 95 11.91 -4.42 6.46
N ASP B 96 12.29 -4.26 5.21
CA ASP B 96 13.39 -3.38 4.83
C ASP B 96 12.89 -2.16 4.07
N THR B 97 13.65 -1.08 4.21
CA THR B 97 13.56 0.12 3.38
C THR B 97 12.27 0.89 3.65
N LEU B 98 12.29 1.68 4.72
CA LEU B 98 11.20 2.59 5.02
C LEU B 98 11.17 3.71 4.00
N THR B 99 9.97 4.04 3.52
CA THR B 99 9.78 5.14 2.59
C THR B 99 8.67 6.06 3.09
N GLY B 100 8.65 7.26 2.55
CA GLY B 100 7.60 8.22 2.84
C GLY B 100 7.64 8.79 4.23
N GLY B 101 6.46 9.13 4.74
CA GLY B 101 6.29 9.85 6.00
C GLY B 101 5.12 10.81 5.89
N ALA B 102 5.00 11.68 6.89
CA ALA B 102 3.87 12.59 7.00
C ALA B 102 3.69 13.47 5.75
N SER B 103 4.79 14.00 5.25
CA SER B 103 4.76 14.92 4.12
C SER B 103 4.34 14.28 2.79
N SER B 104 4.46 12.96 2.66
CA SER B 104 4.02 12.29 1.43
C SER B 104 2.77 11.43 1.64
N GLY B 105 2.07 11.64 2.75
CA GLY B 105 0.77 11.03 2.98
C GLY B 105 0.79 9.67 3.66
N GLY B 106 1.97 9.20 4.06
CA GLY B 106 2.07 7.98 4.83
C GLY B 106 3.41 7.30 4.69
N TYR B 107 3.71 6.46 5.68
CA TYR B 107 4.86 5.57 5.63
C TYR B 107 4.51 4.26 4.92
N ALA B 108 5.51 3.71 4.23
CA ALA B 108 5.43 2.38 3.64
C ALA B 108 6.81 1.69 3.72
N LEU B 109 6.83 0.40 3.44
CA LEU B 109 8.06 -0.37 3.30
C LEU B 109 8.19 -0.81 1.85
N ASP B 110 9.36 -0.66 1.25
CA ASP B 110 9.59 -1.23 -0.09
C ASP B 110 9.63 -2.76 -0.06
N SER B 111 10.14 -3.31 1.04
CA SER B 111 10.31 -4.76 1.14
C SER B 111 9.83 -5.28 2.49
N GLN B 112 8.51 -5.28 2.66
CA GLN B 112 7.90 -5.92 3.82
C GLN B 112 8.21 -7.42 3.84
N GLU B 113 8.55 -7.93 5.02
CA GLU B 113 8.76 -9.36 5.24
C GLU B 113 7.46 -9.93 5.82
N VAL B 114 7.02 -9.37 6.95
CA VAL B 114 5.90 -9.88 7.72
C VAL B 114 5.09 -8.70 8.30
N SER B 115 3.76 -8.82 8.31
CA SER B 115 2.92 -7.85 9.02
C SER B 115 1.83 -8.55 9.83
N PHE B 116 1.52 -7.96 10.98
CA PHE B 116 0.48 -8.44 11.88
C PHE B 116 -0.59 -7.34 11.96
N SER B 117 -1.83 -7.72 11.70
CA SER B 117 -2.96 -6.80 11.68
C SER B 117 -4.05 -7.23 12.66
N ASN B 118 -4.92 -6.28 12.98
CA ASN B 118 -6.02 -6.48 13.95
C ASN B 118 -5.50 -6.94 15.31
N LEU B 119 -4.44 -6.29 15.78
CA LEU B 119 -3.87 -6.59 17.08
C LEU B 119 -4.79 -6.20 18.24
N GLY B 120 -5.65 -5.21 18.01
CA GLY B 120 -6.61 -4.78 19.01
C GLY B 120 -6.05 -4.34 20.34
N LEU B 121 -4.84 -3.79 20.34
CA LEU B 121 -4.22 -3.32 21.58
C LEU B 121 -4.63 -1.88 21.85
N ASP B 122 -4.89 -1.57 23.11
CA ASP B 122 -5.29 -0.22 23.50
C ASP B 122 -4.83 0.03 24.92
N SER B 123 -3.87 0.93 25.08
CA SER B 123 -3.28 1.24 26.38
C SER B 123 -3.57 2.68 26.76
N PRO B 124 -4.01 2.91 28.01
CA PRO B 124 -4.29 4.26 28.47
C PRO B 124 -3.04 5.01 28.90
N ILE B 125 -3.10 6.34 28.81
CA ILE B 125 -1.97 7.19 29.14
C ILE B 125 -1.44 6.98 30.57
N ALA B 126 -2.34 6.79 31.53
CA ALA B 126 -1.93 6.75 32.94
C ALA B 126 -1.15 5.48 33.30
N GLN B 127 -1.24 4.44 32.49
CA GLN B 127 -0.42 3.23 32.67
C GLN B 127 1.06 3.47 32.36
N GLY B 128 1.38 4.57 31.67
CA GLY B 128 2.75 4.95 31.44
C GLY B 128 3.52 3.89 30.67
N ARG B 129 4.79 3.70 31.03
CA ARG B 129 5.63 2.74 30.32
C ARG B 129 5.35 1.27 30.67
N ASP B 130 4.44 1.01 31.60
CA ASP B 130 3.91 -0.34 31.83
C ASP B 130 2.77 -0.71 30.86
N GLY B 131 2.32 0.24 30.05
CA GLY B 131 1.30 -0.06 29.05
C GLY B 131 1.80 -1.05 28.01
N THR B 132 0.89 -1.90 27.55
CA THR B 132 1.23 -2.93 26.58
C THR B 132 1.71 -2.33 25.26
N VAL B 133 1.02 -1.31 24.78
CA VAL B 133 1.42 -0.65 23.52
C VAL B 133 2.85 -0.11 23.63
N HIS B 134 3.15 0.58 24.73
CA HIS B 134 4.48 1.11 24.96
C HIS B 134 5.54 0.02 24.87
N LYS B 135 5.33 -1.05 25.62
CA LYS B 135 6.30 -2.13 25.72
C LYS B 135 6.48 -2.84 24.38
N VAL B 136 5.38 -3.02 23.63
CA VAL B 136 5.47 -3.65 22.32
C VAL B 136 6.36 -2.86 21.38
N VAL B 137 6.08 -1.56 21.27
CA VAL B 137 6.80 -0.72 20.32
C VAL B 137 8.23 -0.43 20.79
N TYR B 138 8.41 -0.11 22.08
CA TYR B 138 9.76 0.16 22.59
C TYR B 138 10.65 -1.08 22.45
N GLY B 139 10.06 -2.27 22.65
CA GLY B 139 10.73 -3.53 22.38
C GLY B 139 11.30 -3.62 20.98
N LEU B 140 10.48 -3.28 19.99
CA LEU B 140 10.93 -3.26 18.59
C LEU B 140 12.01 -2.24 18.31
N MET B 141 12.02 -1.14 19.07
CA MET B 141 13.05 -0.12 18.94
C MET B 141 14.37 -0.54 19.56
N SER B 142 14.31 -1.46 20.53
CA SER B 142 15.41 -1.70 21.45
C SER B 142 15.99 -3.12 21.39
N GLY B 143 15.58 -3.93 20.42
CA GLY B 143 16.17 -5.26 20.21
C GLY B 143 15.56 -6.39 20.99
N ASP B 144 14.35 -6.19 21.51
CA ASP B 144 13.66 -7.21 22.28
C ASP B 144 12.19 -7.24 21.90
N SER B 145 11.81 -8.19 21.07
CA SER B 145 10.41 -8.32 20.65
C SER B 145 9.55 -9.22 21.55
N SER B 146 9.96 -9.48 22.79
CA SER B 146 9.20 -10.38 23.66
C SER B 146 7.77 -9.88 23.92
N ALA B 147 7.57 -8.58 24.09
CA ALA B 147 6.22 -8.06 24.35
C ALA B 147 5.31 -8.30 23.14
N LEU B 148 5.80 -8.03 21.94
CA LEU B 148 5.03 -8.30 20.73
C LEU B 148 4.71 -9.79 20.58
N GLN B 149 5.72 -10.64 20.75
CA GLN B 149 5.51 -12.10 20.72
C GLN B 149 4.40 -12.53 21.67
N GLY B 150 4.43 -12.02 22.90
CA GLY B 150 3.41 -12.38 23.91
C GLY B 150 2.00 -12.00 23.51
N GLN B 151 1.85 -10.84 22.90
CA GLN B 151 0.53 -10.37 22.46
C GLN B 151 0.01 -11.13 21.23
N ILE B 152 0.91 -11.45 20.30
CA ILE B 152 0.55 -12.27 19.14
C ILE B 152 0.15 -13.67 19.59
N ASP B 153 0.92 -14.22 20.53
CA ASP B 153 0.64 -15.55 21.07
C ASP B 153 -0.79 -15.64 21.63
N ALA B 154 -1.16 -14.67 22.45
CA ALA B 154 -2.51 -14.59 23.02
C ALA B 154 -3.60 -14.50 21.96
N LEU B 155 -3.39 -13.65 20.95
CA LEU B 155 -4.37 -13.50 19.87
C LEU B 155 -4.53 -14.78 19.05
N LEU B 156 -3.42 -15.44 18.75
CA LEU B 156 -3.46 -16.69 17.99
C LEU B 156 -4.17 -17.82 18.75
N LYS B 157 -3.91 -17.92 20.05
CA LYS B 157 -4.57 -18.94 20.88
C LYS B 157 -6.08 -18.72 20.97
N ALA B 158 -6.51 -17.45 20.98
CA ALA B 158 -7.93 -17.11 20.94
C ALA B 158 -8.62 -17.59 19.64
N VAL B 159 -7.92 -17.57 18.52
CA VAL B 159 -8.46 -18.14 17.28
C VAL B 159 -8.66 -19.66 17.46
N ASP B 160 -7.58 -20.34 17.87
CA ASP B 160 -7.62 -21.78 18.18
C ASP B 160 -6.40 -22.14 19.05
N PRO B 161 -6.58 -23.00 20.09
CA PRO B 161 -5.45 -23.32 20.97
C PRO B 161 -4.30 -24.12 20.31
N SER B 162 -4.54 -24.75 19.17
CA SER B 162 -3.44 -25.36 18.40
C SER B 162 -2.51 -24.33 17.74
N LEU B 163 -2.97 -23.08 17.63
CA LEU B 163 -2.18 -21.98 17.06
C LEU B 163 -1.46 -21.21 18.17
N SER B 164 -0.23 -20.76 17.87
CA SER B 164 0.60 -20.02 18.85
C SER B 164 1.71 -19.28 18.11
N ILE B 165 2.48 -18.47 18.81
CA ILE B 165 3.71 -17.89 18.21
C ILE B 165 4.69 -18.96 17.73
N ASN B 166 4.55 -20.18 18.24
CA ASN B 166 5.39 -21.30 17.82
C ASN B 166 4.87 -22.09 16.61
N SER B 167 3.78 -21.61 16.01
CA SER B 167 3.33 -22.11 14.72
C SER B 167 4.22 -21.53 13.65
N THR B 168 4.44 -22.29 12.57
CA THR B 168 5.14 -21.74 11.40
C THR B 168 4.15 -20.88 10.62
N PHE B 169 4.66 -19.96 9.83
CA PHE B 169 3.80 -19.14 8.98
C PHE B 169 2.93 -20.01 8.07
N ASP B 170 3.54 -21.06 7.52
CA ASP B 170 2.84 -22.01 6.66
C ASP B 170 1.65 -22.67 7.39
N GLN B 171 1.86 -23.08 8.64
CA GLN B 171 0.79 -23.63 9.49
C GLN B 171 -0.33 -22.62 9.70
N LEU B 172 0.04 -21.36 9.94
CA LEU B 172 -0.96 -20.31 10.16
C LEU B 172 -1.74 -20.04 8.87
N ALA B 173 -1.10 -20.18 7.72
CA ALA B 173 -1.77 -20.03 6.42
C ALA B 173 -2.78 -21.13 6.19
N ALA B 174 -2.37 -22.37 6.48
CA ALA B 174 -3.29 -23.50 6.45
C ALA B 174 -4.51 -23.26 7.36
N ALA B 175 -4.32 -22.61 8.51
CA ALA B 175 -5.41 -22.32 9.44
C ALA B 175 -6.24 -21.07 9.10
N GLY B 176 -5.90 -20.38 8.01
CA GLY B 176 -6.66 -19.22 7.55
C GLY B 176 -6.34 -17.90 8.25
N VAL B 177 -5.29 -17.88 9.07
CA VAL B 177 -4.87 -16.67 9.80
C VAL B 177 -3.83 -15.88 9.01
N ALA B 178 -2.91 -16.58 8.35
CA ALA B 178 -1.81 -15.97 7.62
C ALA B 178 -1.98 -16.17 6.13
N HIS B 179 -1.30 -15.34 5.35
CA HIS B 179 -1.42 -15.39 3.91
C HIS B 179 -0.07 -15.08 3.31
N ALA B 180 0.39 -15.95 2.42
CA ALA B 180 1.71 -15.82 1.84
C ALA B 180 1.70 -14.75 0.76
N THR B 181 2.83 -14.07 0.64
CA THR B 181 3.02 -13.05 -0.38
C THR B 181 4.15 -13.59 -1.25
N PRO B 182 3.87 -13.89 -2.55
CA PRO B 182 4.83 -14.54 -3.47
C PRO B 182 6.30 -14.06 -3.38
CAF WVP C . -4.88 -3.69 -5.46
CAG WVP C . -3.95 -4.63 -5.31
CAH WVP C . -4.42 -5.62 -4.51
NAI WVP C . -5.67 -5.19 -4.23
CAE WVP C . -5.99 -4.02 -4.78
CAD WVP C . -7.16 -3.33 -4.63
CBB WVP C . -7.18 -2.02 -5.27
CBD WVP C . -7.19 -1.22 -5.67
CAW WVP C . -8.32 -3.60 -3.93
NAX WVP C . -8.61 -4.70 -3.25
CAV WVP C . -9.41 -2.84 -3.73
CAU WVP C . -10.30 -3.49 -2.98
CAT WVP C . -9.81 -4.69 -2.64
CAC WVP C . -10.36 -5.73 -1.91
CAZ WVP C . -11.71 -5.54 -1.51
CBE WVP C . -12.06 -5.47 -0.16
CBF WVP C . -13.38 -5.30 0.24
CBG WVP C . -14.39 -5.16 -0.72
CBH WVP C . -14.05 -5.20 -2.07
CBI WVP C . -12.73 -5.40 -2.47
CAR WVP C . -9.81 -6.95 -1.55
NAS WVP C . -8.53 -7.33 -1.76
CAQ WVP C . -10.35 -8.03 -0.95
CAP WVP C . -9.42 -8.98 -0.81
CAO WVP C . -8.25 -8.57 -1.31
CAB WVP C . -7.03 -9.21 -1.37
CBA WVP C . -6.94 -10.45 -0.50
CBC WVP C . -6.88 -11.24 0.05
CAM WVP C . -5.89 -8.95 -2.08
NAN WVP C . -5.58 -7.81 -2.72
CAL WVP C . -4.81 -9.72 -2.32
CAK WVP C . -3.94 -9.05 -3.07
CAJ WVP C . -4.40 -7.82 -3.35
CAA WVP C . -3.85 -6.80 -4.07
CAY WVP C . -2.51 -7.05 -4.45
CBJ WVP C . -2.23 -7.32 -5.79
CBK WVP C . -0.94 -7.58 -6.22
CBL WVP C . 0.10 -7.61 -5.30
CBM WVP C . -0.16 -7.35 -3.96
CBN WVP C . -1.47 -7.08 -3.53
FE WVP C . -7.12 -6.34 -3.06
CAF WVP D . 8.49 6.91 20.61
CAG WVP D . 8.67 8.06 19.98
CAH WVP D . 9.56 8.82 20.64
NAI WVP D . 9.89 8.04 21.69
CAE WVP D . 9.26 6.86 21.71
CAD WVP D . 9.39 5.90 22.66
CBB WVP D . 8.55 4.73 22.46
CBD WVP D . 7.98 3.92 22.32
CAW WVP D . 10.14 5.88 23.82
NAX WVP D . 11.01 6.80 24.22
CAV WVP D . 10.19 4.96 24.77
CAU WVP D . 11.06 5.32 25.72
CAT WVP D . 11.62 6.49 25.40
CAC WVP D . 12.58 7.23 26.05
CAZ WVP D . 13.16 6.64 27.20
CBE WVP D . 12.95 7.20 28.48
CBF WVP D . 13.54 6.63 29.61
CBG WVP D . 14.34 5.50 29.49
CBH WVP D . 14.55 4.94 28.24
CBI WVP D . 13.97 5.51 27.10
CAR WVP D . 13.19 8.40 25.70
NAS WVP D . 12.82 9.21 24.71
CAQ WVP D . 14.27 9.02 26.21
CAP WVP D . 14.51 10.15 25.54
CAO WVP D . 13.59 10.29 24.57
CAB WVP D . 13.40 11.29 23.66
CBA WVP D . 14.17 12.49 23.92
CBC WVP D . 14.69 13.31 24.10
CAM WVP D . 12.60 11.37 22.55
NAN WVP D . 11.69 10.45 22.18
CAL WVP D . 12.54 12.30 21.61
CAK WVP D . 11.61 11.96 20.71
CAJ WVP D . 11.04 10.80 21.03
CAA WVP D . 10.06 10.07 20.39
CAY WVP D . 9.54 10.74 19.25
CBJ WVP D . 9.75 10.18 18.00
CBK WVP D . 9.29 10.77 16.82
CBL WVP D . 8.61 11.98 16.89
CBM WVP D . 8.38 12.57 18.13
CBN WVP D . 8.84 11.96 19.31
FE WVP D . 11.39 8.57 23.14
#